data_3U6J
#
_entry.id   3U6J
#
_cell.length_a   56.194
_cell.length_b   65.268
_cell.length_c   57.323
_cell.angle_alpha   90.000
_cell.angle_beta   117.940
_cell.angle_gamma   90.000
#
_symmetry.space_group_name_H-M   'P 1 21 1'
#
loop_
_entity.id
_entity.type
_entity.pdbx_description
1 polymer 'Vascular endothelial growth factor receptor 2'
2 non-polymer N-{4-[(6,7-dimethoxyquinolin-4-yl)oxy]-3-fluorophenyl}-1,5-dimethyl-3-oxo-2-phenyl-2,3-dihydro-1H-pyrazole-4-carboxamide
3 water water
#
_entity_poly.entity_id   1
_entity_poly.type   'polypeptide(L)'
_entity_poly.pdbx_seq_one_letter_code
;EHCERLPYDASKWEFPRDRLKLGKPLGRGAFGQVIEADAFGIDKTATCRTVAVKMLKEGATHSEHRALMSELKILIHIGH
HLNVVNLLGACTKPGGPLMVITEFCKFGNLSTYLRSKRNEFVPYKVAPEDLYKDFLTLEHLICYSFQVAKGMEFLASRKC
IHRDLAARNILLSEKNVVKICDFGLARDIYKDPDYVRKGDARLPLKWMAPETIFDRVYTIQSDVWSFGVLLWEIFSLGAS
PYPGVKIDEEFCRRLKEGTRMRAPDYTTPEMYQTMLDCWHGEPSQRPTFSELVEHLGNLLQANAQQDRHHHHHH
;
_entity_poly.pdbx_strand_id   A
#
# COMPACT_ATOMS: atom_id res chain seq x y z
N GLU A 1 13.15 -17.77 11.86
CA GLU A 1 14.63 -17.73 12.02
C GLU A 1 15.19 -16.31 12.10
N HIS A 2 14.31 -15.31 12.09
CA HIS A 2 14.74 -13.92 11.90
C HIS A 2 14.06 -12.90 12.85
N CYS A 3 13.22 -12.04 12.27
CA CYS A 3 12.71 -10.84 12.93
C CYS A 3 11.88 -11.05 14.20
N GLU A 4 11.16 -12.16 14.27
CA GLU A 4 10.30 -12.46 15.43
C GLU A 4 11.06 -12.42 16.75
N ARG A 5 12.38 -12.56 16.67
CA ARG A 5 13.24 -12.72 17.84
C ARG A 5 13.86 -11.41 18.35
N LEU A 6 13.48 -10.29 17.73
CA LEU A 6 13.91 -8.95 18.14
C LEU A 6 13.25 -8.56 19.46
N PRO A 7 13.93 -7.74 20.29
CA PRO A 7 13.42 -7.31 21.60
C PRO A 7 12.09 -6.57 21.51
N TYR A 8 11.22 -6.79 22.48
CA TYR A 8 9.88 -6.22 22.48
C TYR A 8 9.67 -5.33 23.71
N ASP A 9 9.24 -4.10 23.47
CA ASP A 9 8.97 -3.13 24.54
C ASP A 9 7.50 -3.19 24.95
N ALA A 10 7.22 -3.99 25.98
CA ALA A 10 5.85 -4.22 26.44
C ALA A 10 5.23 -2.98 27.09
N SER A 11 6.05 -2.18 27.77
CA SER A 11 5.58 -0.95 28.41
C SER A 11 5.08 0.08 27.38
N LYS A 12 5.62 0.00 26.18
CA LYS A 12 5.23 0.91 25.09
C LYS A 12 4.07 0.36 24.27
N TRP A 13 4.12 -0.94 23.97
CA TRP A 13 3.23 -1.55 22.97
C TRP A 13 2.10 -2.44 23.51
N GLU A 14 2.30 -3.05 24.68
CA GLU A 14 1.32 -4.03 25.19
C GLU A 14 -0.06 -3.42 25.49
N PHE A 15 -1.08 -3.98 24.85
CA PHE A 15 -2.46 -3.58 25.08
C PHE A 15 -3.26 -4.75 25.70
N PRO A 16 -4.05 -4.48 26.76
CA PRO A 16 -4.84 -5.53 27.40
C PRO A 16 -5.91 -6.10 26.48
N ARG A 17 -5.97 -7.43 26.39
CA ARG A 17 -6.99 -8.13 25.59
C ARG A 17 -8.43 -7.82 26.02
N ASP A 18 -8.61 -7.60 27.32
CA ASP A 18 -9.92 -7.29 27.90
C ASP A 18 -10.47 -5.92 27.50
N ARG A 19 -9.59 -5.04 27.04
CA ARG A 19 -9.96 -3.69 26.60
C ARG A 19 -10.23 -3.67 25.10
N LEU A 20 -10.42 -4.86 24.54
CA LEU A 20 -10.56 -5.03 23.10
C LEU A 20 -11.76 -5.94 22.85
N LYS A 21 -12.75 -5.42 22.13
CA LYS A 21 -13.91 -6.22 21.75
C LYS A 21 -13.87 -6.46 20.25
N LEU A 22 -13.65 -7.72 19.89
CA LEU A 22 -13.56 -8.14 18.50
C LEU A 22 -14.95 -8.21 17.86
N GLY A 23 -15.05 -7.70 16.63
CA GLY A 23 -16.31 -7.73 15.90
C GLY A 23 -16.26 -8.58 14.65
N LYS A 24 -16.72 -8.01 13.54
CA LYS A 24 -16.76 -8.71 12.26
C LYS A 24 -15.37 -8.85 11.64
N PRO A 25 -15.09 -10.00 11.01
CA PRO A 25 -13.90 -10.15 10.17
C PRO A 25 -13.97 -9.19 8.98
N LEU A 26 -12.86 -8.51 8.72
CA LEU A 26 -12.75 -7.62 7.57
C LEU A 26 -12.18 -8.36 6.35
N GLY A 27 -11.08 -9.09 6.57
CA GLY A 27 -10.38 -9.79 5.49
C GLY A 27 -9.81 -11.12 5.93
N ARG A 28 -9.85 -12.10 5.02
CA ARG A 28 -9.45 -13.46 5.31
C ARG A 28 -8.30 -13.89 4.40
N GLY A 29 -7.18 -14.26 5.00
CA GLY A 29 -6.01 -14.68 4.26
C GLY A 29 -5.75 -16.16 4.39
N ALA A 30 -4.65 -16.62 3.80
CA ALA A 30 -4.33 -18.05 3.81
C ALA A 30 -4.03 -18.58 5.22
N PHE A 31 -3.40 -17.75 6.04
CA PHE A 31 -2.95 -18.16 7.38
C PHE A 31 -3.59 -17.31 8.48
N GLY A 32 -3.67 -16.01 8.26
CA GLY A 32 -4.20 -15.07 9.25
C GLY A 32 -5.45 -14.33 8.81
N GLN A 33 -5.93 -13.45 9.68
CA GLN A 33 -7.16 -12.71 9.45
C GLN A 33 -7.13 -11.32 10.06
N VAL A 34 -7.85 -10.39 9.45
CA VAL A 34 -8.01 -9.05 10.00
C VAL A 34 -9.45 -8.88 10.48
N ILE A 35 -9.60 -8.46 11.73
CA ILE A 35 -10.91 -8.32 12.37
C ILE A 35 -11.13 -6.89 12.86
N GLU A 36 -12.31 -6.35 12.57
CA GLU A 36 -12.72 -5.04 13.10
C GLU A 36 -12.97 -5.15 14.60
N ALA A 37 -12.45 -4.20 15.36
CA ALA A 37 -12.57 -4.24 16.81
C ALA A 37 -12.68 -2.84 17.41
N ASP A 38 -13.37 -2.75 18.55
CA ASP A 38 -13.38 -1.54 19.36
C ASP A 38 -12.37 -1.69 20.48
N ALA A 39 -11.52 -0.67 20.64
CA ALA A 39 -10.49 -0.67 21.66
C ALA A 39 -10.66 0.55 22.57
N PHE A 40 -10.51 0.35 23.88
CA PHE A 40 -10.67 1.46 24.82
C PHE A 40 -9.35 1.87 25.49
N GLY A 41 -9.03 3.14 25.39
CA GLY A 41 -7.85 3.72 26.05
C GLY A 41 -6.55 3.43 25.34
N ILE A 42 -6.62 3.20 24.03
CA ILE A 42 -5.42 2.91 23.24
C ILE A 42 -4.62 4.17 22.91
N ASP A 43 -5.31 5.32 22.89
CA ASP A 43 -4.67 6.60 22.63
C ASP A 43 -5.10 7.66 23.65
N ALA A 46 -9.16 8.03 27.97
CA ALA A 46 -10.45 7.41 28.28
C ALA A 46 -11.42 7.52 27.10
N THR A 47 -10.96 7.09 25.92
CA THR A 47 -11.76 7.15 24.69
C THR A 47 -11.78 5.81 23.94
N CYS A 48 -12.91 5.54 23.30
CA CYS A 48 -13.06 4.34 22.47
C CYS A 48 -12.68 4.64 21.02
N ARG A 49 -12.04 3.66 20.38
CA ARG A 49 -11.55 3.81 19.02
C ARG A 49 -11.73 2.50 18.25
N THR A 50 -12.15 2.61 16.98
CA THR A 50 -12.24 1.46 16.09
C THR A 50 -10.84 1.15 15.56
N VAL A 51 -10.46 -0.13 15.65
CA VAL A 51 -9.14 -0.60 15.24
C VAL A 51 -9.23 -1.80 14.29
N ALA A 52 -8.11 -2.10 13.63
CA ALA A 52 -7.98 -3.34 12.86
C ALA A 52 -7.04 -4.28 13.61
N VAL A 53 -7.51 -5.50 13.83
CA VAL A 53 -6.74 -6.48 14.59
C VAL A 53 -6.37 -7.65 13.70
N LYS A 54 -5.06 -7.81 13.48
CA LYS A 54 -4.54 -8.95 12.76
C LYS A 54 -4.18 -10.05 13.75
N MET A 55 -4.71 -11.24 13.51
CA MET A 55 -4.41 -12.43 14.31
C MET A 55 -4.46 -13.68 13.44
N LEU A 56 -4.07 -14.82 14.01
CA LEU A 56 -4.06 -16.06 13.25
C LEU A 56 -5.38 -16.81 13.35
N LYS A 57 -5.71 -17.53 12.28
CA LYS A 57 -6.85 -18.42 12.27
C LYS A 57 -6.64 -19.59 13.24
N GLU A 58 -7.75 -20.23 13.60
CA GLU A 58 -7.75 -21.41 14.46
C GLU A 58 -6.84 -22.50 13.89
N GLY A 59 -6.08 -23.14 14.77
CA GLY A 59 -5.21 -24.25 14.39
C GLY A 59 -3.93 -23.83 13.69
N ALA A 60 -3.47 -22.62 13.99
CA ALA A 60 -2.23 -22.09 13.41
C ALA A 60 -1.03 -22.88 13.90
N THR A 61 -0.04 -23.04 13.03
CA THR A 61 1.19 -23.77 13.37
C THR A 61 2.20 -22.85 14.04
N HIS A 62 3.30 -23.44 14.50
CA HIS A 62 4.38 -22.67 15.12
C HIS A 62 5.05 -21.71 14.14
N SER A 63 5.27 -22.18 12.90
CA SER A 63 5.87 -21.32 11.87
C SER A 63 4.97 -20.12 11.52
N GLU A 64 3.66 -20.33 11.58
CA GLU A 64 2.66 -19.25 11.38
C GLU A 64 2.68 -18.27 12.54
N HIS A 65 2.81 -18.80 13.77
CA HIS A 65 3.04 -17.98 14.96
C HIS A 65 4.30 -17.12 14.81
N ARG A 66 5.40 -17.74 14.38
CA ARG A 66 6.66 -17.02 14.12
C ARG A 66 6.50 -15.92 13.09
N ALA A 67 5.76 -16.22 12.01
CA ALA A 67 5.53 -15.26 10.94
C ALA A 67 4.76 -14.02 11.42
N LEU A 68 3.74 -14.21 12.26
CA LEU A 68 2.99 -13.08 12.81
C LEU A 68 3.84 -12.24 13.77
N MET A 69 4.65 -12.90 14.59
CA MET A 69 5.57 -12.19 15.48
C MET A 69 6.61 -11.40 14.70
N SER A 70 7.09 -11.97 13.60
CA SER A 70 8.03 -11.29 12.71
C SER A 70 7.39 -10.03 12.12
N GLU A 71 6.14 -10.15 11.68
CA GLU A 71 5.36 -9.02 11.20
C GLU A 71 5.26 -7.88 12.23
N LEU A 72 4.92 -8.24 13.48
CA LEU A 72 4.86 -7.26 14.57
C LEU A 72 6.19 -6.50 14.77
N LYS A 73 7.30 -7.24 14.80
CA LYS A 73 8.62 -6.65 15.03
C LYS A 73 9.05 -5.72 13.90
N ILE A 74 8.72 -6.09 12.66
CA ILE A 74 8.99 -5.25 11.50
C ILE A 74 8.18 -3.94 11.59
N LEU A 75 6.90 -4.03 11.96
CA LEU A 75 6.07 -2.83 12.20
C LEU A 75 6.70 -1.90 13.25
N ILE A 76 7.17 -2.48 14.36
CA ILE A 76 7.82 -1.71 15.42
C ILE A 76 9.08 -1.03 14.91
N HIS A 77 9.90 -1.78 14.18
CA HIS A 77 11.14 -1.24 13.62
C HIS A 77 10.87 -0.05 12.70
N ILE A 78 9.88 -0.20 11.81
CA ILE A 78 9.51 0.85 10.85
C ILE A 78 9.13 2.16 11.55
N GLY A 79 8.23 2.08 12.52
CA GLY A 79 7.85 3.24 13.32
C GLY A 79 6.73 4.07 12.71
N HIS A 80 6.47 5.23 13.32
CA HIS A 80 5.33 6.06 12.95
C HIS A 80 5.60 6.99 11.76
N HIS A 81 4.63 7.02 10.85
CA HIS A 81 4.55 8.03 9.82
C HIS A 81 3.09 8.13 9.41
N LEU A 82 2.66 9.32 9.04
CA LEU A 82 1.28 9.55 8.61
C LEU A 82 0.88 8.63 7.46
N ASN A 83 1.82 8.33 6.58
CA ASN A 83 1.50 7.62 5.35
C ASN A 83 1.90 6.15 5.35
N VAL A 84 2.08 5.61 6.55
CA VAL A 84 2.27 4.18 6.77
C VAL A 84 1.19 3.75 7.76
N VAL A 85 0.65 2.53 7.58
CA VAL A 85 -0.33 2.01 8.53
C VAL A 85 0.38 1.84 9.87
N ASN A 86 -0.12 2.53 10.89
CA ASN A 86 0.59 2.60 12.16
C ASN A 86 0.09 1.61 13.21
N LEU A 87 1.04 0.92 13.82
CA LEU A 87 0.81 0.03 14.94
C LEU A 87 0.36 0.84 16.15
N LEU A 88 -0.74 0.42 16.75
CA LEU A 88 -1.29 1.09 17.94
C LEU A 88 -0.98 0.29 19.20
N GLY A 89 -0.80 -1.01 19.05
CA GLY A 89 -0.53 -1.88 20.17
C GLY A 89 -0.50 -3.34 19.79
N ALA A 90 -0.15 -4.18 20.75
CA ALA A 90 -0.08 -5.62 20.53
C ALA A 90 -0.47 -6.40 21.77
N CYS A 91 -1.07 -7.57 21.55
CA CYS A 91 -1.39 -8.49 22.63
C CYS A 91 -0.47 -9.72 22.52
N THR A 92 0.56 -9.76 23.35
CA THR A 92 1.61 -10.79 23.27
C THR A 92 1.72 -11.64 24.55
N LYS A 93 1.10 -11.19 25.63
CA LYS A 93 1.20 -11.88 26.92
C LYS A 93 0.37 -13.17 26.96
N PRO A 94 0.75 -14.13 27.83
CA PRO A 94 -0.04 -15.35 28.06
C PRO A 94 -1.50 -15.09 28.43
N GLY A 95 -2.38 -16.01 28.03
CA GLY A 95 -3.80 -15.89 28.32
C GLY A 95 -4.67 -15.95 27.09
N GLY A 96 -4.18 -15.38 26.00
CA GLY A 96 -4.90 -15.37 24.73
C GLY A 96 -3.96 -15.33 23.54
N PRO A 97 -4.52 -15.25 22.32
CA PRO A 97 -3.75 -15.28 21.07
C PRO A 97 -2.88 -14.04 20.81
N LEU A 98 -1.86 -14.21 19.98
CA LEU A 98 -1.06 -13.09 19.50
C LEU A 98 -1.93 -12.21 18.60
N MET A 99 -1.96 -10.92 18.93
CA MET A 99 -2.78 -9.98 18.18
C MET A 99 -2.04 -8.69 17.91
N VAL A 100 -2.09 -8.26 16.66
CA VAL A 100 -1.47 -7.02 16.21
C VAL A 100 -2.55 -5.97 15.91
N ILE A 101 -2.52 -4.87 16.64
CA ILE A 101 -3.56 -3.84 16.54
C ILE A 101 -3.04 -2.64 15.76
N THR A 102 -3.63 -2.39 14.59
CA THR A 102 -3.27 -1.23 13.79
C THR A 102 -4.45 -0.28 13.61
N GLU A 103 -4.17 0.93 13.14
CA GLU A 103 -5.22 1.91 12.86
C GLU A 103 -6.17 1.40 11.77
N PHE A 104 -7.45 1.70 11.97
CA PHE A 104 -8.50 1.29 11.06
C PHE A 104 -8.64 2.31 9.93
N CYS A 105 -8.62 1.83 8.70
CA CYS A 105 -8.77 2.67 7.52
C CYS A 105 -10.09 2.30 6.85
N LYS A 106 -11.11 3.13 7.10
CA LYS A 106 -12.50 2.76 6.85
C LYS A 106 -12.87 2.56 5.37
N PHE A 107 -12.14 3.20 4.46
CA PHE A 107 -12.45 3.10 3.04
C PHE A 107 -11.74 1.96 2.31
N GLY A 108 -10.88 1.25 3.05
CA GLY A 108 -10.22 0.05 2.52
C GLY A 108 -9.12 0.35 1.54
N ASN A 109 -8.82 -0.62 0.68
CA ASN A 109 -7.73 -0.48 -0.28
C ASN A 109 -8.05 0.55 -1.38
N LEU A 110 -7.00 1.18 -1.89
CA LEU A 110 -7.12 2.27 -2.85
C LEU A 110 -7.64 1.84 -4.22
N SER A 111 -7.22 0.67 -4.70
CA SER A 111 -7.66 0.15 -5.99
C SER A 111 -9.19 0.04 -6.08
N THR A 112 -9.77 -0.73 -5.15
CA THR A 112 -11.23 -0.91 -5.05
C THR A 112 -11.94 0.43 -4.85
N TYR A 113 -11.41 1.28 -3.97
CA TYR A 113 -12.02 2.59 -3.74
C TYR A 113 -12.03 3.47 -5.00
N LEU A 114 -10.91 3.53 -5.71
CA LEU A 114 -10.82 4.32 -6.93
C LEU A 114 -11.78 3.82 -8.00
N ARG A 115 -11.96 2.51 -8.06
CA ARG A 115 -12.86 1.89 -9.03
C ARG A 115 -14.33 2.22 -8.72
N SER A 116 -14.63 2.50 -7.46
CA SER A 116 -15.99 2.84 -7.03
C SER A 116 -16.38 4.28 -7.36
N LYS A 117 -15.40 5.08 -7.83
CA LYS A 117 -15.59 6.50 -8.09
C LYS A 117 -15.43 6.87 -9.56
N ARG A 118 -15.48 5.86 -10.43
CA ARG A 118 -15.39 6.06 -11.89
C ARG A 118 -16.41 7.10 -12.42
N ASN A 119 -17.60 7.12 -11.83
CA ASN A 119 -18.64 8.07 -12.19
C ASN A 119 -18.72 9.28 -11.25
N GLU A 120 -17.77 9.35 -10.32
CA GLU A 120 -17.65 10.47 -9.37
C GLU A 120 -16.26 11.10 -9.46
N PHE A 121 -15.82 11.34 -10.70
CA PHE A 121 -14.55 12.02 -10.95
C PHE A 121 -14.70 13.14 -11.99
N VAL A 122 -14.20 14.32 -11.64
CA VAL A 122 -13.98 15.43 -12.58
C VAL A 122 -12.55 15.97 -12.38
N PRO A 123 -11.87 16.38 -13.47
CA PRO A 123 -10.50 16.89 -13.29
C PRO A 123 -10.41 18.04 -12.30
N TYR A 124 -11.33 18.99 -12.42
CA TYR A 124 -11.46 20.12 -11.50
C TYR A 124 -12.95 20.37 -11.26
N LYS A 125 -13.30 20.72 -10.03
CA LYS A 125 -14.68 21.08 -9.74
C LYS A 125 -14.99 22.45 -10.31
N VAL A 126 -16.26 22.65 -10.68
CA VAL A 126 -16.75 23.94 -11.15
C VAL A 126 -17.88 24.38 -10.22
N ALA A 127 -17.94 25.67 -9.90
CA ALA A 127 -18.99 26.22 -9.05
C ALA A 127 -20.32 26.24 -9.80
N PRO A 128 -21.43 25.82 -9.15
CA PRO A 128 -21.58 25.31 -7.78
C PRO A 128 -20.96 23.93 -7.55
N GLU A 129 -20.07 23.86 -6.56
CA GLU A 129 -19.24 22.68 -6.31
C GLU A 129 -20.00 21.51 -5.65
N ASP A 130 -21.17 21.80 -5.09
CA ASP A 130 -22.00 20.76 -4.46
C ASP A 130 -22.52 19.72 -5.48
N LEU A 131 -22.49 20.08 -6.76
CA LEU A 131 -22.73 19.15 -7.84
C LEU A 131 -21.66 18.05 -7.89
N TYR A 132 -20.48 18.36 -7.36
CA TYR A 132 -19.36 17.43 -7.36
C TYR A 132 -18.98 17.02 -5.93
N LYS A 133 -19.98 17.02 -5.05
CA LYS A 133 -19.83 16.62 -3.66
C LYS A 133 -19.20 15.22 -3.60
N ASP A 134 -18.10 15.12 -2.85
CA ASP A 134 -17.38 13.86 -2.62
C ASP A 134 -16.73 13.27 -3.87
N PHE A 135 -16.65 14.07 -4.94
CA PHE A 135 -15.98 13.64 -6.16
C PHE A 135 -14.47 13.60 -5.97
N LEU A 136 -13.82 12.74 -6.74
CA LEU A 136 -12.39 12.76 -6.87
C LEU A 136 -12.03 13.75 -7.96
N THR A 137 -10.85 14.35 -7.84
CA THR A 137 -10.35 15.35 -8.78
C THR A 137 -8.89 15.03 -9.07
N LEU A 138 -8.27 15.77 -9.99
CA LEU A 138 -6.83 15.63 -10.24
C LEU A 138 -6.01 15.91 -8.98
N GLU A 139 -6.45 16.91 -8.20
CA GLU A 139 -5.84 17.22 -6.92
C GLU A 139 -5.81 16.02 -5.97
N HIS A 140 -6.93 15.30 -5.86
CA HIS A 140 -6.99 14.08 -5.03
C HIS A 140 -5.96 13.02 -5.46
N LEU A 141 -5.87 12.77 -6.76
CA LEU A 141 -5.00 11.72 -7.30
C LEU A 141 -3.51 12.07 -7.17
N ILE A 142 -3.16 13.32 -7.49
CA ILE A 142 -1.81 13.80 -7.28
C ILE A 142 -1.46 13.82 -5.79
N CYS A 143 -2.42 14.22 -4.96
CA CYS A 143 -2.24 14.19 -3.51
C CYS A 143 -1.98 12.78 -2.96
N TYR A 144 -2.73 11.79 -3.45
CA TYR A 144 -2.52 10.38 -3.06
C TYR A 144 -1.13 9.89 -3.46
N SER A 145 -0.72 10.21 -4.69
CA SER A 145 0.60 9.91 -5.22
C SER A 145 1.72 10.53 -4.37
N PHE A 146 1.54 11.79 -4.01
CA PHE A 146 2.47 12.56 -3.18
C PHE A 146 2.64 11.90 -1.80
N GLN A 147 1.52 11.54 -1.17
CA GLN A 147 1.51 10.88 0.13
C GLN A 147 2.23 9.53 0.13
N VAL A 148 2.00 8.69 -0.89
CA VAL A 148 2.66 7.39 -1.00
C VAL A 148 4.17 7.56 -1.19
N ALA A 149 4.56 8.57 -1.96
CA ALA A 149 5.98 8.86 -2.17
C ALA A 149 6.65 9.25 -0.85
N LYS A 150 5.96 10.02 -0.02
CA LYS A 150 6.46 10.41 1.31
C LYS A 150 6.53 9.24 2.29
N GLY A 151 5.54 8.35 2.22
CA GLY A 151 5.58 7.12 3.02
C GLY A 151 6.69 6.18 2.57
N MET A 152 6.95 6.14 1.27
CA MET A 152 8.02 5.29 0.71
C MET A 152 9.41 5.88 0.97
N GLU A 153 9.53 7.20 0.92
CA GLU A 153 10.76 7.89 1.33
C GLU A 153 11.07 7.60 2.80
N PHE A 154 10.05 7.67 3.65
CA PHE A 154 10.17 7.29 5.06
C PHE A 154 10.63 5.84 5.24
N LEU A 155 10.02 4.92 4.47
CA LEU A 155 10.37 3.50 4.56
C LEU A 155 11.83 3.26 4.18
N ALA A 156 12.26 3.90 3.09
CA ALA A 156 13.67 3.88 2.65
C ALA A 156 14.62 4.36 3.76
N SER A 157 14.20 5.37 4.51
CA SER A 157 14.99 5.92 5.61
C SER A 157 15.07 4.98 6.82
N ARG A 158 14.21 3.97 6.83
CA ARG A 158 14.24 2.94 7.87
C ARG A 158 15.07 1.76 7.40
N LYS A 159 15.67 1.91 6.22
CA LYS A 159 16.42 0.86 5.52
C LYS A 159 15.57 -0.37 5.18
N CYS A 160 14.31 -0.11 4.85
CA CYS A 160 13.34 -1.15 4.47
C CYS A 160 13.03 -1.09 2.98
N ILE A 161 12.71 -2.26 2.43
CA ILE A 161 12.24 -2.40 1.05
C ILE A 161 10.83 -3.01 1.13
N HIS A 162 9.89 -2.48 0.36
CA HIS A 162 8.51 -2.96 0.43
C HIS A 162 8.32 -4.32 -0.25
N ARG A 163 8.70 -4.40 -1.53
CA ARG A 163 8.65 -5.65 -2.31
C ARG A 163 7.27 -5.99 -2.88
N ASP A 164 6.22 -5.33 -2.38
CA ASP A 164 4.86 -5.58 -2.87
C ASP A 164 4.03 -4.29 -2.93
N LEU A 165 4.68 -3.21 -3.39
CA LEU A 165 3.98 -1.94 -3.55
C LEU A 165 2.99 -2.00 -4.71
N ALA A 166 1.75 -1.62 -4.42
CA ALA A 166 0.62 -1.65 -5.35
C ALA A 166 -0.56 -0.94 -4.69
N ALA A 167 -1.59 -0.63 -5.47
CA ALA A 167 -2.78 0.06 -4.93
C ALA A 167 -3.59 -0.79 -3.95
N ARG A 168 -3.60 -2.12 -4.14
CA ARG A 168 -4.23 -3.05 -3.19
C ARG A 168 -3.57 -2.99 -1.81
N ASN A 169 -2.33 -2.50 -1.78
CA ASN A 169 -1.54 -2.35 -0.56
C ASN A 169 -1.43 -0.91 -0.07
N ILE A 170 -2.34 -0.06 -0.56
CA ILE A 170 -2.52 1.30 -0.07
C ILE A 170 -3.93 1.32 0.51
N LEU A 171 -4.04 1.80 1.74
CA LEU A 171 -5.33 1.95 2.41
C LEU A 171 -5.70 3.42 2.52
N LEU A 172 -6.99 3.70 2.43
CA LEU A 172 -7.52 5.05 2.53
C LEU A 172 -8.26 5.26 3.84
N SER A 173 -7.83 6.27 4.58
CA SER A 173 -8.37 6.58 5.89
C SER A 173 -9.28 7.79 5.78
N GLU A 174 -9.56 8.41 6.92
CA GLU A 174 -10.35 9.63 7.01
C GLU A 174 -9.59 10.81 6.39
N LYS A 175 -10.33 11.82 5.94
CA LYS A 175 -9.75 13.08 5.44
C LYS A 175 -8.70 12.92 4.32
N ASN A 176 -8.99 12.00 3.39
CA ASN A 176 -8.16 11.74 2.21
C ASN A 176 -6.70 11.32 2.50
N VAL A 177 -6.48 10.73 3.68
CA VAL A 177 -5.15 10.28 4.10
C VAL A 177 -4.92 8.83 3.66
N VAL A 178 -3.91 8.63 2.81
CA VAL A 178 -3.55 7.28 2.36
C VAL A 178 -2.36 6.72 3.13
N LYS A 179 -2.35 5.39 3.29
CA LYS A 179 -1.35 4.71 4.08
C LYS A 179 -0.83 3.46 3.39
N ILE A 180 0.48 3.40 3.23
CA ILE A 180 1.17 2.22 2.72
C ILE A 180 1.08 1.08 3.75
N CYS A 181 0.75 -0.11 3.27
CA CYS A 181 0.71 -1.29 4.10
C CYS A 181 1.17 -2.53 3.34
N ASP A 182 1.13 -3.66 4.03
CA ASP A 182 1.22 -4.98 3.42
C ASP A 182 0.36 -5.90 4.26
N PHE A 183 -0.63 -6.53 3.63
CA PHE A 183 -1.50 -7.48 4.32
C PHE A 183 -0.76 -8.72 4.82
N GLY A 184 0.33 -9.08 4.12
CA GLY A 184 1.15 -10.23 4.50
C GLY A 184 0.34 -11.51 4.67
N LEU A 185 0.42 -12.08 5.86
CA LEU A 185 -0.30 -13.29 6.27
C LEU A 185 -1.83 -13.24 6.10
N ALA A 186 -2.38 -12.03 6.07
CA ALA A 186 -3.83 -11.84 5.95
C ALA A 186 -4.30 -11.68 4.50
N ARG A 187 -3.38 -11.83 3.55
CA ARG A 187 -3.75 -11.85 2.14
C ARG A 187 -3.62 -13.28 1.59
N ASP A 188 -4.64 -13.72 0.84
CA ASP A 188 -4.57 -15.01 0.17
C ASP A 188 -4.03 -14.84 -1.25
N ILE A 189 -2.71 -14.97 -1.39
CA ILE A 189 -2.02 -14.77 -2.67
C ILE A 189 -2.25 -15.91 -3.68
N TYR A 190 -2.77 -17.03 -3.20
CA TYR A 190 -3.06 -18.19 -4.04
C TYR A 190 -4.45 -18.09 -4.69
N LYS A 191 -5.25 -17.16 -4.20
CA LYS A 191 -6.60 -16.91 -4.74
C LYS A 191 -6.71 -15.49 -5.26
N ASP A 192 -5.56 -14.82 -5.33
CA ASP A 192 -5.46 -13.45 -5.84
C ASP A 192 -4.83 -13.47 -7.23
N PRO A 193 -5.58 -13.00 -8.25
CA PRO A 193 -5.10 -12.97 -9.64
C PRO A 193 -3.94 -11.98 -9.89
N ASP A 194 -3.67 -11.11 -8.92
CA ASP A 194 -2.53 -10.18 -9.02
C ASP A 194 -1.19 -10.89 -8.77
N TYR A 195 -1.28 -12.10 -8.23
CA TYR A 195 -0.09 -12.88 -7.91
C TYR A 195 -0.01 -14.11 -8.80
N VAL A 196 1.09 -14.20 -9.55
CA VAL A 196 1.28 -15.19 -10.59
C VAL A 196 2.29 -16.24 -10.14
N ARG A 197 2.00 -17.50 -10.44
CA ARG A 197 2.92 -18.59 -10.15
C ARG A 197 4.14 -18.57 -11.08
N LYS A 198 5.32 -18.34 -10.51
CA LYS A 198 6.60 -18.46 -11.21
C LYS A 198 7.55 -19.29 -10.36
N GLY A 199 7.67 -20.57 -10.70
CA GLY A 199 8.41 -21.53 -9.88
C GLY A 199 7.61 -21.94 -8.67
N ASP A 200 8.26 -21.86 -7.49
CA ASP A 200 7.64 -22.28 -6.23
C ASP A 200 6.71 -21.22 -5.60
N ALA A 201 6.88 -19.96 -6.02
CA ALA A 201 6.21 -18.83 -5.36
C ALA A 201 5.13 -18.13 -6.20
N ARG A 202 4.25 -17.40 -5.50
CA ARG A 202 3.27 -16.52 -6.15
C ARG A 202 3.78 -15.08 -6.11
N LEU A 203 4.00 -14.49 -7.29
CA LEU A 203 4.66 -13.20 -7.40
C LEU A 203 3.81 -12.13 -8.11
N PRO A 204 3.85 -10.87 -7.63
CA PRO A 204 3.11 -9.79 -8.24
C PRO A 204 3.79 -9.27 -9.52
N LEU A 205 3.86 -10.13 -10.54
CA LEU A 205 4.65 -9.88 -11.76
C LEU A 205 4.41 -8.55 -12.46
N LYS A 206 3.16 -8.09 -12.49
CA LYS A 206 2.82 -6.81 -13.15
C LYS A 206 3.37 -5.57 -12.44
N TRP A 207 3.82 -5.72 -11.20
CA TRP A 207 4.40 -4.61 -10.43
C TRP A 207 5.93 -4.70 -10.29
N MET A 208 6.51 -5.78 -10.82
CA MET A 208 7.93 -6.08 -10.61
C MET A 208 8.85 -5.54 -11.70
N ALA A 209 9.96 -4.93 -11.27
CA ALA A 209 10.99 -4.43 -12.17
C ALA A 209 11.67 -5.59 -12.93
N PRO A 210 12.17 -5.33 -14.16
CA PRO A 210 12.83 -6.37 -14.96
C PRO A 210 13.97 -7.09 -14.24
N GLU A 211 14.82 -6.34 -13.50
CA GLU A 211 15.92 -6.94 -12.74
C GLU A 211 15.41 -7.87 -11.64
N THR A 212 14.21 -7.58 -11.12
CA THR A 212 13.57 -8.41 -10.11
C THR A 212 13.02 -9.69 -10.75
N ILE A 213 12.38 -9.55 -11.90
CA ILE A 213 11.82 -10.68 -12.65
C ILE A 213 12.91 -11.66 -13.10
N PHE A 214 13.98 -11.14 -13.71
CA PHE A 214 15.04 -11.97 -14.26
C PHE A 214 16.13 -12.36 -13.26
N ASP A 215 16.54 -11.43 -12.41
CA ASP A 215 17.70 -11.62 -11.52
C ASP A 215 17.34 -11.82 -10.03
N ARG A 216 16.05 -11.71 -9.71
CA ARG A 216 15.54 -11.82 -8.31
C ARG A 216 16.06 -10.73 -7.37
N VAL A 217 16.44 -9.60 -7.95
CA VAL A 217 16.99 -8.47 -7.21
C VAL A 217 15.89 -7.52 -6.73
N TYR A 218 15.73 -7.44 -5.40
CA TYR A 218 14.79 -6.51 -4.77
C TYR A 218 15.56 -5.38 -4.10
N THR A 219 15.33 -4.16 -4.56
CA THR A 219 15.96 -2.97 -3.98
C THR A 219 14.91 -1.88 -3.80
N ILE A 220 15.32 -0.76 -3.20
CA ILE A 220 14.48 0.42 -3.14
C ILE A 220 14.19 0.96 -4.56
N GLN A 221 15.09 0.67 -5.49
CA GLN A 221 14.96 1.11 -6.89
C GLN A 221 13.92 0.29 -7.64
N SER A 222 13.75 -0.98 -7.25
CA SER A 222 12.70 -1.80 -7.85
C SER A 222 11.33 -1.44 -7.24
N ASP A 223 11.34 -0.96 -6.00
CA ASP A 223 10.17 -0.33 -5.37
C ASP A 223 9.69 0.91 -6.14
N VAL A 224 10.64 1.68 -6.67
CA VAL A 224 10.33 2.84 -7.51
C VAL A 224 9.62 2.41 -8.80
N TRP A 225 10.10 1.33 -9.42
CA TRP A 225 9.40 0.73 -10.55
C TRP A 225 7.94 0.45 -10.17
N SER A 226 7.75 -0.27 -9.05
CA SER A 226 6.42 -0.59 -8.52
C SER A 226 5.57 0.67 -8.29
N PHE A 227 6.18 1.71 -7.73
CA PHE A 227 5.51 3.00 -7.52
C PHE A 227 5.00 3.58 -8.83
N GLY A 228 5.76 3.40 -9.92
CA GLY A 228 5.33 3.82 -11.26
C GLY A 228 4.09 3.08 -11.73
N VAL A 229 4.01 1.79 -11.40
CA VAL A 229 2.83 0.98 -11.72
C VAL A 229 1.61 1.42 -10.88
N LEU A 230 1.86 1.69 -9.59
CA LEU A 230 0.87 2.31 -8.71
C LEU A 230 0.31 3.63 -9.24
N LEU A 231 1.19 4.51 -9.74
CA LEU A 231 0.76 5.75 -10.38
C LEU A 231 -0.20 5.48 -11.53
N TRP A 232 0.13 4.48 -12.33
CA TRP A 232 -0.74 4.08 -13.44
C TRP A 232 -2.11 3.62 -12.90
N GLU A 233 -2.10 2.83 -11.83
CA GLU A 233 -3.34 2.40 -11.16
C GLU A 233 -4.18 3.58 -10.65
N ILE A 234 -3.52 4.56 -10.05
CA ILE A 234 -4.21 5.73 -9.51
C ILE A 234 -4.87 6.54 -10.63
N PHE A 235 -4.15 6.74 -11.73
CA PHE A 235 -4.62 7.58 -12.84
C PHE A 235 -5.37 6.80 -13.93
N SER A 236 -5.70 5.55 -13.63
CA SER A 236 -6.67 4.76 -14.38
C SER A 236 -7.91 4.58 -13.53
N LEU A 237 -7.90 5.18 -12.34
CA LEU A 237 -8.91 4.98 -11.30
C LEU A 237 -9.12 3.50 -10.95
N GLY A 238 -8.03 2.82 -10.63
CA GLY A 238 -8.08 1.47 -10.11
C GLY A 238 -8.21 0.34 -11.13
N ALA A 239 -7.75 0.60 -12.36
CA ALA A 239 -7.73 -0.46 -13.37
C ALA A 239 -6.54 -1.37 -13.11
N SER A 240 -6.50 -2.50 -13.82
CA SER A 240 -5.44 -3.49 -13.67
C SER A 240 -4.35 -3.27 -14.73
N PRO A 241 -3.07 -3.26 -14.31
CA PRO A 241 -1.93 -3.05 -15.19
C PRO A 241 -1.88 -3.97 -16.41
N TYR A 242 -1.26 -3.48 -17.49
CA TYR A 242 -1.08 -4.21 -18.75
C TYR A 242 -2.39 -4.84 -19.22
N PRO A 243 -3.39 -4.00 -19.58
CA PRO A 243 -4.75 -4.44 -19.91
C PRO A 243 -4.81 -5.44 -21.05
N GLY A 244 -5.39 -6.60 -20.78
CA GLY A 244 -5.57 -7.64 -21.80
C GLY A 244 -4.32 -8.40 -22.22
N VAL A 245 -3.17 -8.04 -21.64
CA VAL A 245 -1.88 -8.64 -22.00
C VAL A 245 -1.62 -9.89 -21.17
N LYS A 246 -1.32 -10.99 -21.84
CA LYS A 246 -1.00 -12.24 -21.16
C LYS A 246 0.34 -12.08 -20.44
N ILE A 247 0.36 -12.47 -19.17
CA ILE A 247 1.56 -12.31 -18.34
C ILE A 247 2.38 -13.59 -18.42
N ASP A 248 3.13 -13.70 -19.52
CA ASP A 248 3.93 -14.89 -19.82
C ASP A 248 5.39 -14.52 -20.05
N GLU A 249 6.11 -15.41 -20.75
CA GLU A 249 7.52 -15.20 -21.07
C GLU A 249 7.70 -14.04 -22.05
N GLU A 250 6.77 -13.93 -23.00
CA GLU A 250 6.81 -12.84 -23.98
C GLU A 250 6.65 -11.49 -23.30
N PHE A 251 5.74 -11.42 -22.33
CA PHE A 251 5.53 -10.21 -21.53
C PHE A 251 6.82 -9.75 -20.84
N CYS A 252 7.50 -10.70 -20.19
CA CYS A 252 8.74 -10.41 -19.46
C CYS A 252 9.86 -9.98 -20.40
N ARG A 253 9.95 -10.66 -21.55
CA ARG A 253 10.94 -10.34 -22.58
C ARG A 253 10.73 -8.91 -23.11
N ARG A 254 9.49 -8.60 -23.51
CA ARG A 254 9.14 -7.29 -24.07
C ARG A 254 9.34 -6.15 -23.07
N LEU A 255 9.18 -6.46 -21.78
CA LEU A 255 9.39 -5.49 -20.72
C LEU A 255 10.87 -5.13 -20.60
N LYS A 256 11.72 -6.16 -20.71
CA LYS A 256 13.17 -5.97 -20.73
C LYS A 256 13.60 -5.20 -21.98
N GLU A 257 12.90 -5.42 -23.09
CA GLU A 257 13.19 -4.76 -24.37
C GLU A 257 12.74 -3.30 -24.45
N GLY A 258 11.97 -2.85 -23.47
CA GLY A 258 11.58 -1.44 -23.39
C GLY A 258 10.12 -1.14 -23.63
N THR A 259 9.29 -2.17 -23.75
CA THR A 259 7.85 -1.98 -23.85
C THR A 259 7.28 -1.49 -22.51
N ARG A 260 6.44 -0.47 -22.59
CA ARG A 260 5.81 0.14 -21.43
C ARG A 260 4.31 0.33 -21.68
N MET A 261 3.55 0.47 -20.60
CA MET A 261 2.12 0.79 -20.69
C MET A 261 1.87 2.16 -21.31
N ARG A 262 0.76 2.27 -22.04
CA ARG A 262 0.31 3.56 -22.56
C ARG A 262 -0.27 4.41 -21.43
N ALA A 263 -0.49 5.70 -21.71
CA ALA A 263 -1.07 6.62 -20.74
C ALA A 263 -2.48 6.19 -20.30
N PRO A 264 -2.74 6.18 -18.98
CA PRO A 264 -4.09 5.81 -18.52
C PRO A 264 -5.07 6.97 -18.71
N ASP A 265 -6.36 6.69 -18.61
CA ASP A 265 -7.43 7.64 -19.00
C ASP A 265 -7.49 8.98 -18.26
N TYR A 266 -7.02 9.01 -17.02
CA TYR A 266 -7.17 10.21 -16.20
C TYR A 266 -5.85 10.92 -15.89
N THR A 267 -4.79 10.57 -16.63
CA THR A 267 -3.47 11.14 -16.38
C THR A 267 -3.27 12.53 -16.99
N THR A 268 -2.37 13.29 -16.39
CA THR A 268 -1.80 14.48 -17.02
C THR A 268 -0.55 14.05 -17.77
N PRO A 269 -0.07 14.88 -18.74
CA PRO A 269 1.19 14.59 -19.44
C PRO A 269 2.38 14.46 -18.48
N GLU A 270 2.38 15.26 -17.42
CA GLU A 270 3.47 15.26 -16.46
C GLU A 270 3.50 13.97 -15.65
N MET A 271 2.31 13.51 -15.26
CA MET A 271 2.21 12.28 -14.49
C MET A 271 2.66 11.05 -15.28
N TYR A 272 2.36 11.04 -16.58
CA TYR A 272 2.75 9.91 -17.43
C TYR A 272 4.26 9.82 -17.61
N GLN A 273 4.91 10.96 -17.81
CA GLN A 273 6.37 11.00 -17.88
C GLN A 273 7.01 10.53 -16.57
N THR A 274 6.42 10.92 -15.44
CA THR A 274 6.85 10.43 -14.13
C THR A 274 6.75 8.89 -14.05
N MET A 275 5.65 8.32 -14.55
CA MET A 275 5.51 6.85 -14.62
C MET A 275 6.67 6.24 -15.42
N LEU A 276 6.92 6.81 -16.60
CA LEU A 276 8.01 6.37 -17.48
C LEU A 276 9.39 6.51 -16.85
N ASP A 277 9.61 7.59 -16.10
CA ASP A 277 10.85 7.79 -15.32
C ASP A 277 11.04 6.68 -14.28
N CYS A 278 9.96 6.31 -13.61
CA CYS A 278 9.97 5.21 -12.65
C CYS A 278 10.26 3.87 -13.33
N TRP A 279 9.93 3.80 -14.63
CA TRP A 279 10.12 2.57 -15.40
C TRP A 279 11.40 2.55 -16.25
N HIS A 280 12.39 3.35 -15.86
CA HIS A 280 13.69 3.29 -16.53
C HIS A 280 14.27 1.88 -16.45
N GLY A 281 14.77 1.38 -17.58
CA GLY A 281 15.42 0.06 -17.63
C GLY A 281 16.62 -0.04 -16.70
N GLU A 282 17.27 1.09 -16.46
CA GLU A 282 18.41 1.17 -15.55
C GLU A 282 17.96 1.62 -14.16
N PRO A 283 18.03 0.72 -13.16
CA PRO A 283 17.66 1.04 -11.78
C PRO A 283 18.32 2.33 -11.25
N SER A 284 19.60 2.52 -11.57
CA SER A 284 20.33 3.72 -11.15
C SER A 284 19.76 5.01 -11.76
N GLN A 285 19.07 4.88 -12.89
CA GLN A 285 18.55 6.05 -13.59
C GLN A 285 17.12 6.44 -13.20
N ARG A 286 16.46 5.60 -12.39
CA ARG A 286 15.13 5.90 -11.86
C ARG A 286 15.25 7.00 -10.81
N PRO A 287 14.22 7.85 -10.66
CA PRO A 287 14.28 8.83 -9.59
C PRO A 287 14.24 8.15 -8.22
N THR A 288 14.80 8.81 -7.21
CA THR A 288 14.66 8.34 -5.84
C THR A 288 13.27 8.74 -5.34
N PHE A 289 12.86 8.19 -4.20
CA PHE A 289 11.60 8.60 -3.58
C PHE A 289 11.64 10.04 -3.08
N SER A 290 12.80 10.49 -2.62
CA SER A 290 13.00 11.91 -2.30
C SER A 290 12.72 12.78 -3.52
N GLU A 291 13.28 12.39 -4.66
CA GLU A 291 13.05 13.08 -5.93
C GLU A 291 11.60 13.02 -6.38
N LEU A 292 10.94 11.89 -6.08
CA LEU A 292 9.53 11.71 -6.39
C LEU A 292 8.65 12.61 -5.53
N VAL A 293 8.99 12.71 -4.24
CA VAL A 293 8.34 13.64 -3.31
C VAL A 293 8.45 15.08 -3.79
N GLU A 294 9.66 15.48 -4.18
CA GLU A 294 9.92 16.82 -4.69
C GLU A 294 9.10 17.09 -5.97
N HIS A 295 9.19 16.18 -6.94
CA HIS A 295 8.50 16.34 -8.22
C HIS A 295 6.98 16.37 -8.13
N LEU A 296 6.42 15.44 -7.35
CA LEU A 296 4.97 15.34 -7.20
C LEU A 296 4.43 16.52 -6.38
N GLY A 297 5.25 17.02 -5.46
CA GLY A 297 4.96 18.28 -4.76
C GLY A 297 4.85 19.45 -5.72
N ASN A 298 5.79 19.52 -6.67
CA ASN A 298 5.73 20.52 -7.75
C ASN A 298 4.51 20.38 -8.65
N LEU A 299 4.10 19.14 -8.93
CA LEU A 299 2.92 18.89 -9.77
C LEU A 299 1.62 19.18 -9.04
N LEU A 300 1.60 18.96 -7.72
CA LEU A 300 0.46 19.29 -6.88
C LEU A 300 0.27 20.80 -6.85
N GLN A 301 1.38 21.51 -6.77
CA GLN A 301 1.44 22.97 -6.78
C GLN A 301 0.99 23.54 -8.13
N ALA A 302 1.53 22.99 -9.21
CA ALA A 302 1.15 23.39 -10.57
C ALA A 302 -0.33 23.14 -10.84
N ASN A 303 -0.86 22.06 -10.27
CA ASN A 303 -2.27 21.72 -10.45
C ASN A 303 -3.20 22.72 -9.76
N ALA A 304 -2.78 23.22 -8.60
CA ALA A 304 -3.50 24.26 -7.87
C ALA A 304 -3.67 25.55 -8.66
N GLN A 305 -2.66 25.90 -9.47
CA GLN A 305 -2.71 27.11 -10.29
C GLN A 305 -3.68 26.99 -11.45
N GLN A 306 -4.04 25.75 -11.78
CA GLN A 306 -5.07 25.48 -12.76
C GLN A 306 -6.48 25.55 -12.18
N ASP A 307 -6.58 25.70 -10.85
CA ASP A 307 -7.87 25.76 -10.17
C ASP A 307 -7.95 27.01 -9.29
N ARG A 308 -8.25 28.15 -9.90
CA ARG A 308 -8.11 29.46 -9.24
C ARG A 308 -9.40 30.23 -8.95
N HIS A 309 -10.55 29.64 -9.28
CA HIS A 309 -11.87 30.28 -9.09
C HIS A 309 -12.01 30.98 -7.73
N HIS A 310 -11.58 30.30 -6.67
CA HIS A 310 -11.57 30.88 -5.33
C HIS A 310 -10.19 31.44 -5.00
#